data_3ID8
#
_entry.id   3ID8
#
_cell.length_a   67.000
_cell.length_b   82.600
_cell.length_c   86.800
_cell.angle_alpha   90.00
_cell.angle_beta   90.00
_cell.angle_gamma   90.00
#
_symmetry.space_group_name_H-M   'P 21 21 21'
#
loop_
_entity.id
_entity.type
_entity.pdbx_description
1 polymer Glucokinase
2 non-polymer alpha-D-glucopyranose
3 non-polymer 2-AMINO-4-FLUORO-5-[(1-METHYL-1H-IMIDAZOL-2-YL)SULFANYL]-N-(1,3-THIAZOL-2-YL)BENZAMIDE
4 non-polymer 'PHOSPHOAMINOPHOSPHONIC ACID-ADENYLATE ESTER'
5 non-polymer 'MAGNESIUM ION'
6 non-polymer 'POTASSIUM ION'
7 water water
#
_entity_poly.entity_id   1
_entity_poly.type   'polypeptide(L)'
_entity_poly.pdbx_seq_one_letter_code
;MGHHHHHHENLYFQGMKKEKVEQILAEFQLQEEDLKKVMRRMQKEMDRGLRLETHEEASVKMLPTYVRSTPEGSEVGDFL
SLDLGGTNFRVMLVKVGEGEEGQWSVKTKHQMYSIPEDAMTGTAEMLFDYISECISDFLDKHQMKHKKLPLGFTFSFPVR
HEDIDKGILLNWTKGFKASGAEGNNVVGLLRDAIKRRGDFEMDVVAMVNDTVATMISCYYEDHQCEVGMIVGTGCNACYM
EEMQNVELVEGDEGRMCVNTEWGAFGDSGELDEFLLEYDRLVDESSANPGQQLYEKLIGGKYMGELVRLVLLRLVDENLL
FHGEASEQLRTRGAFETRFVSQVESDTGDRKQIYNILSTLGLRPSTTDCDIVRRACESVSTRAAHMCSAGLAGVINRMRE
SRSEDVMRITVGVDGSVYKLHPSFKERFHASVRRLTPSCEITFIESEEGSGRGAALVSAVACKKACMLGQ
;
_entity_poly.pdbx_strand_id   A
#
# COMPACT_ATOMS: atom_id res chain seq x y z
N ASN A 10 -22.98 -18.57 34.86
CA ASN A 10 -23.85 -17.46 34.54
C ASN A 10 -23.59 -17.06 33.14
N LEU A 11 -24.49 -17.56 32.29
CA LEU A 11 -24.49 -17.35 30.88
C LEU A 11 -25.08 -16.02 30.79
N TYR A 12 -25.72 -15.62 31.87
CA TYR A 12 -26.13 -14.22 31.95
C TYR A 12 -24.93 -13.25 32.02
N PHE A 13 -23.85 -13.69 32.67
CA PHE A 13 -22.67 -12.82 32.88
C PHE A 13 -21.62 -12.91 31.77
N GLN A 14 -21.86 -13.78 30.79
CA GLN A 14 -21.03 -13.84 29.60
C GLN A 14 -21.55 -12.80 28.61
N GLY A 15 -22.87 -12.81 28.40
CA GLY A 15 -23.55 -11.92 27.45
C GLY A 15 -23.54 -10.46 27.85
N MET A 16 -23.46 -10.21 29.16
CA MET A 16 -23.33 -8.86 29.68
C MET A 16 -21.91 -8.33 29.43
N LYS A 17 -20.92 -9.23 29.50
CA LYS A 17 -19.53 -8.92 29.10
C LYS A 17 -19.46 -8.58 27.62
N LYS A 18 -20.27 -9.27 26.82
CA LYS A 18 -20.36 -9.06 25.36
C LYS A 18 -21.17 -7.81 24.94
N GLU A 19 -22.06 -7.35 25.83
CA GLU A 19 -22.89 -6.17 25.58
C GLU A 19 -22.06 -4.91 25.81
N LYS A 20 -21.15 -4.97 26.79
CA LYS A 20 -20.19 -3.90 27.12
C LYS A 20 -19.02 -3.85 26.14
N VAL A 21 -18.60 -5.02 25.68
CA VAL A 21 -17.61 -5.12 24.60
C VAL A 21 -18.14 -4.40 23.36
N GLU A 22 -19.42 -4.58 23.08
CA GLU A 22 -20.06 -3.95 21.95
C GLU A 22 -20.15 -2.42 22.06
N GLN A 23 -20.40 -1.89 23.27
CA GLN A 23 -20.43 -0.43 23.50
C GLN A 23 -19.09 0.21 23.19
N ILE A 24 -18.01 -0.54 23.46
CA ILE A 24 -16.67 -0.12 23.13
C ILE A 24 -16.38 -0.30 21.62
N LEU A 25 -16.71 -1.47 21.07
CA LEU A 25 -16.51 -1.72 19.65
C LEU A 25 -17.30 -0.79 18.73
N ALA A 26 -18.45 -0.30 19.21
CA ALA A 26 -19.30 0.65 18.47
C ALA A 26 -18.56 1.91 18.02
N GLU A 27 -17.48 2.26 18.72
CA GLU A 27 -16.61 3.38 18.35
C GLU A 27 -15.96 3.28 16.96
N PHE A 28 -15.76 2.05 16.46
CA PHE A 28 -15.17 1.84 15.14
C PHE A 28 -16.14 2.00 13.98
N GLN A 29 -17.44 2.18 14.28
CA GLN A 29 -18.46 2.34 13.21
C GLN A 29 -18.32 3.65 12.48
N LEU A 30 -18.50 3.59 11.17
CA LEU A 30 -18.61 4.77 10.33
C LEU A 30 -19.91 4.67 9.53
N GLN A 31 -20.76 5.69 9.65
CA GLN A 31 -22.00 5.75 8.87
C GLN A 31 -21.72 6.12 7.43
N GLU A 32 -22.73 5.96 6.58
CA GLU A 32 -22.59 6.18 5.15
C GLU A 32 -22.26 7.65 4.83
N GLU A 33 -22.76 8.55 5.68
CA GLU A 33 -22.48 9.99 5.58
C GLU A 33 -21.11 10.39 6.14
N ASP A 34 -20.58 9.65 7.10
CA ASP A 34 -19.20 9.82 7.54
C ASP A 34 -18.23 9.53 6.37
N LEU A 35 -18.51 8.44 5.64
CA LEU A 35 -17.77 8.05 4.45
C LEU A 35 -17.88 9.06 3.29
N LYS A 36 -19.08 9.52 2.99
CA LYS A 36 -19.27 10.57 1.98
C LYS A 36 -18.48 11.84 2.32
N LYS A 37 -18.42 12.17 3.61
CA LYS A 37 -17.64 13.29 4.14
C LYS A 37 -16.13 13.09 3.94
N VAL A 38 -15.62 11.92 4.30
CA VAL A 38 -14.22 11.52 4.05
C VAL A 38 -13.93 11.61 2.55
N MET A 39 -14.83 11.04 1.77
CA MET A 39 -14.74 11.05 0.32
C MET A 39 -14.66 12.47 -0.27
N ARG A 40 -15.55 13.36 0.16
CA ARG A 40 -15.52 14.75 -0.28
C ARG A 40 -14.19 15.44 0.09
N ARG A 41 -13.74 15.20 1.30
CA ARG A 41 -12.59 15.89 1.84
C ARG A 41 -11.33 15.39 1.12
N MET A 42 -11.30 14.11 0.79
CA MET A 42 -10.21 13.52 0.02
C MET A 42 -10.15 14.07 -1.41
N GLN A 43 -11.33 14.22 -2.03
CA GLN A 43 -11.46 14.75 -3.38
C GLN A 43 -10.96 16.18 -3.39
N LYS A 44 -11.24 16.89 -2.30
CA LYS A 44 -10.77 18.25 -2.10
C LYS A 44 -9.26 18.33 -1.96
N GLU A 45 -8.65 17.37 -1.25
CA GLU A 45 -7.19 17.31 -1.15
C GLU A 45 -6.51 16.93 -2.47
N MET A 46 -7.18 16.08 -3.25
CA MET A 46 -6.66 15.70 -4.54
C MET A 46 -6.56 16.89 -5.48
N ASP A 47 -7.61 17.70 -5.50
CA ASP A 47 -7.64 18.96 -6.24
C ASP A 47 -6.47 19.87 -5.87
N ARG A 48 -6.32 20.10 -4.58
CA ARG A 48 -5.26 20.92 -4.05
C ARG A 48 -3.86 20.39 -4.41
N GLY A 49 -3.68 19.07 -4.44
CA GLY A 49 -2.39 18.47 -4.82
C GLY A 49 -2.03 18.60 -6.29
N LEU A 50 -3.05 18.68 -7.15
CA LEU A 50 -2.79 18.85 -8.60
C LEU A 50 -2.43 20.30 -8.99
N ARG A 51 -2.79 21.26 -8.14
CA ARG A 51 -2.62 22.69 -8.46
CA ARG A 51 -2.60 22.67 -8.49
C ARG A 51 -1.26 23.23 -8.03
N LEU A 52 -0.63 23.97 -8.92
CA LEU A 52 0.68 24.59 -8.67
C LEU A 52 0.60 25.45 -7.40
N GLU A 53 -0.44 26.27 -7.32
CA GLU A 53 -0.65 27.19 -6.20
CA GLU A 53 -0.69 27.19 -6.20
C GLU A 53 -0.79 26.49 -4.84
N THR A 54 -1.39 25.31 -4.81
CA THR A 54 -1.69 24.62 -3.56
C THR A 54 -0.82 23.37 -3.27
N HIS A 55 -0.08 22.91 -4.27
CA HIS A 55 0.71 21.67 -4.15
C HIS A 55 1.57 21.56 -2.88
N GLU A 56 2.34 22.59 -2.58
CA GLU A 56 3.27 22.56 -1.45
C GLU A 56 2.56 22.33 -0.11
N GLU A 57 1.36 22.86 0.07
CA GLU A 57 0.66 22.66 1.33
C GLU A 57 -0.28 21.44 1.36
N ALA A 58 -0.55 20.86 0.20
CA ALA A 58 -1.48 19.73 0.08
C ALA A 58 -0.93 18.51 0.82
N SER A 59 -1.78 17.82 1.56
CA SER A 59 -1.36 16.58 2.23
C SER A 59 -1.40 15.37 1.28
N VAL A 60 -2.31 15.40 0.31
CA VAL A 60 -2.32 14.42 -0.77
C VAL A 60 -1.57 14.99 -1.98
N LYS A 61 -0.36 14.48 -2.22
CA LYS A 61 0.60 15.11 -3.13
C LYS A 61 0.34 14.96 -4.63
N MET A 62 -0.39 13.94 -5.04
CA MET A 62 -0.74 13.82 -6.46
C MET A 62 0.48 13.96 -7.36
N LEU A 63 1.46 13.09 -7.14
CA LEU A 63 2.75 13.22 -7.81
C LEU A 63 2.75 12.65 -9.24
N PRO A 64 3.12 13.48 -10.23
CA PRO A 64 3.34 13.01 -11.60
C PRO A 64 4.41 11.91 -11.65
N THR A 65 4.20 10.92 -12.50
CA THR A 65 5.05 9.72 -12.56
C THR A 65 5.81 9.66 -13.87
N TYR A 66 5.40 10.50 -14.82
CA TYR A 66 6.00 10.54 -16.16
C TYR A 66 5.77 9.27 -16.99
N VAL A 67 4.83 8.43 -16.53
CA VAL A 67 4.30 7.32 -17.31
C VAL A 67 3.08 7.89 -18.04
N ARG A 68 3.27 8.19 -19.33
CA ARG A 68 2.22 8.83 -20.12
C ARG A 68 1.30 7.81 -20.75
N SER A 69 0.05 8.22 -20.96
CA SER A 69 -1.04 7.34 -21.41
C SER A 69 -0.58 6.25 -22.34
N THR A 70 -0.93 6.38 -23.61
CA THR A 70 -0.56 5.34 -24.54
C THR A 70 0.87 5.66 -24.97
N PRO A 71 1.69 4.61 -25.18
CA PRO A 71 3.03 4.79 -25.70
C PRO A 71 3.13 4.52 -27.21
N GLU A 72 4.33 4.62 -27.74
CA GLU A 72 4.63 4.21 -29.09
C GLU A 72 5.17 2.82 -28.94
N GLY A 73 6.09 2.43 -29.79
CA GLY A 73 6.54 1.05 -29.73
C GLY A 73 7.62 0.73 -28.73
N SER A 74 7.48 -0.42 -28.11
CA SER A 74 8.45 -0.88 -27.14
C SER A 74 9.41 -1.89 -27.71
N GLU A 75 10.62 -1.91 -27.20
CA GLU A 75 11.57 -2.99 -27.48
C GLU A 75 11.15 -4.30 -26.82
N VAL A 76 11.71 -5.40 -27.31
CA VAL A 76 11.41 -6.72 -26.79
C VAL A 76 12.66 -7.36 -26.14
N GLY A 77 12.47 -8.46 -25.41
CA GLY A 77 13.59 -9.20 -24.84
C GLY A 77 13.67 -9.24 -23.33
N ASP A 78 14.89 -9.16 -22.81
CA ASP A 78 15.19 -9.42 -21.41
C ASP A 78 15.38 -8.18 -20.55
N PHE A 79 14.67 -8.14 -19.43
CA PHE A 79 14.72 -7.01 -18.49
C PHE A 79 14.95 -7.51 -17.08
N LEU A 80 15.51 -6.65 -16.23
CA LEU A 80 15.66 -6.98 -14.82
C LEU A 80 14.82 -6.02 -14.00
N SER A 81 13.90 -6.56 -13.22
CA SER A 81 13.08 -5.77 -12.31
C SER A 81 13.58 -5.84 -10.87
N LEU A 82 13.52 -4.70 -10.19
CA LEU A 82 13.80 -4.63 -8.76
C LEU A 82 12.54 -4.20 -8.04
N ASP A 83 12.37 -4.65 -6.80
CA ASP A 83 11.24 -4.21 -5.99
C ASP A 83 11.63 -3.93 -4.53
N LEU A 84 11.61 -2.66 -4.13
CA LEU A 84 11.90 -2.29 -2.76
C LEU A 84 10.70 -1.58 -2.15
N GLY A 85 10.23 -2.06 -1.00
CA GLY A 85 9.09 -1.42 -0.33
C GLY A 85 8.65 -2.05 0.97
N GLY A 86 8.86 -3.36 1.08
CA GLY A 86 8.44 -4.10 2.27
C GLY A 86 9.59 -4.37 3.23
N THR A 87 9.55 -5.57 3.82
CA THR A 87 10.62 -6.05 4.66
C THR A 87 11.48 -7.03 3.85
N ASN A 88 11.09 -7.21 2.57
CA ASN A 88 11.84 -7.98 1.58
C ASN A 88 12.08 -7.20 0.29
N PHE A 89 13.22 -7.47 -0.34
CA PHE A 89 13.59 -6.89 -1.61
C PHE A 89 13.58 -7.98 -2.69
N ARG A 90 12.98 -7.70 -3.84
CA ARG A 90 12.82 -8.73 -4.85
C ARG A 90 13.49 -8.40 -6.18
N VAL A 91 14.13 -9.42 -6.76
CA VAL A 91 14.77 -9.30 -8.07
C VAL A 91 14.12 -10.31 -9.01
N MET A 92 13.86 -9.89 -10.24
CA MET A 92 13.33 -10.81 -11.22
C MET A 92 13.72 -10.44 -12.65
N LEU A 93 13.85 -11.48 -13.45
CA LEU A 93 14.16 -11.38 -14.87
C LEU A 93 12.87 -11.64 -15.65
N VAL A 94 12.52 -10.68 -16.50
CA VAL A 94 11.29 -10.82 -17.27
C VAL A 94 11.54 -10.73 -18.78
N LYS A 95 10.85 -11.59 -19.53
CA LYS A 95 10.91 -11.57 -20.98
C LYS A 95 9.69 -10.84 -21.53
N VAL A 96 9.96 -9.76 -22.26
CA VAL A 96 8.92 -8.93 -22.88
C VAL A 96 8.88 -9.23 -24.36
N GLY A 97 7.67 -9.36 -24.91
CA GLY A 97 7.51 -9.71 -26.31
C GLY A 97 6.26 -9.14 -26.94
N GLU A 98 6.21 -9.19 -28.27
CA GLU A 98 5.13 -8.59 -29.06
C GLU A 98 3.89 -9.49 -29.17
N GLY A 99 2.74 -8.93 -28.80
CA GLY A 99 1.46 -9.65 -28.87
C GLY A 99 0.32 -8.78 -28.40
N GLN A 103 4.37 -5.94 -25.32
CA GLN A 103 2.96 -6.18 -24.99
C GLN A 103 2.79 -7.32 -23.96
N TRP A 104 3.14 -8.56 -24.33
CA TRP A 104 3.16 -9.67 -23.36
C TRP A 104 4.46 -9.71 -22.52
N SER A 105 4.37 -10.26 -21.31
CA SER A 105 5.53 -10.35 -20.40
C SER A 105 5.46 -11.51 -19.40
N VAL A 106 6.59 -12.21 -19.23
CA VAL A 106 6.66 -13.44 -18.44
C VAL A 106 7.81 -13.46 -17.42
N LYS A 107 7.50 -13.92 -16.21
CA LYS A 107 8.47 -14.11 -15.14
C LYS A 107 9.31 -15.35 -15.44
N THR A 108 10.62 -15.16 -15.59
CA THR A 108 11.52 -16.24 -15.98
C THR A 108 12.25 -16.72 -14.73
N LYS A 109 12.91 -15.77 -14.07
CA LYS A 109 13.66 -16.03 -12.85
C LYS A 109 13.24 -15.01 -11.80
N HIS A 110 13.21 -15.46 -10.54
CA HIS A 110 12.79 -14.62 -9.43
C HIS A 110 13.61 -14.94 -8.20
N GLN A 111 13.84 -13.94 -7.35
CA GLN A 111 14.48 -14.19 -6.09
C GLN A 111 14.24 -13.04 -5.13
N MET A 112 13.89 -13.43 -3.91
CA MET A 112 13.53 -12.55 -2.83
C MET A 112 14.60 -12.57 -1.74
N TYR A 113 14.94 -11.40 -1.22
CA TYR A 113 15.91 -11.26 -0.15
C TYR A 113 15.36 -10.50 1.04
N SER A 114 15.56 -11.08 2.22
CA SER A 114 15.17 -10.48 3.48
C SER A 114 16.13 -9.34 3.82
N ILE A 115 15.58 -8.21 4.25
CA ILE A 115 16.41 -7.03 4.50
C ILE A 115 16.87 -6.96 5.95
N PRO A 116 18.20 -6.93 6.16
CA PRO A 116 18.78 -6.77 7.49
C PRO A 116 18.34 -5.46 8.13
N GLU A 117 17.83 -5.56 9.36
CA GLU A 117 17.26 -4.43 10.09
C GLU A 117 18.20 -3.24 10.09
N ASP A 118 19.50 -3.53 10.18
CA ASP A 118 20.58 -2.51 10.18
C ASP A 118 20.76 -1.77 8.84
N ALA A 119 20.04 -2.20 7.80
CA ALA A 119 20.09 -1.56 6.50
C ALA A 119 18.79 -0.77 6.26
N MET A 120 17.80 -1.05 7.11
CA MET A 120 16.50 -0.37 7.10
C MET A 120 16.54 0.96 7.85
N THR A 121 17.30 0.95 8.93
CA THR A 121 17.39 2.07 9.87
C THR A 121 18.84 2.53 10.05
N GLY A 122 19.75 2.05 9.20
CA GLY A 122 21.13 2.55 9.16
C GLY A 122 21.27 3.68 8.15
N THR A 123 22.28 3.56 7.27
CA THR A 123 22.54 4.57 6.25
C THR A 123 21.96 4.21 4.88
N ALA A 124 21.77 5.20 4.01
CA ALA A 124 21.45 4.92 2.62
C ALA A 124 22.53 4.02 2.02
N GLU A 125 23.79 4.40 2.20
CA GLU A 125 24.96 3.61 1.76
C GLU A 125 24.82 2.11 2.08
N MET A 126 24.52 1.80 3.34
CA MET A 126 24.30 0.41 3.77
C MET A 126 23.15 -0.25 3.01
N LEU A 127 22.01 0.43 2.92
CA LEU A 127 20.83 -0.09 2.23
C LEU A 127 21.08 -0.46 0.77
N PHE A 128 21.62 0.50 0.01
CA PHE A 128 21.86 0.28 -1.40
C PHE A 128 23.08 -0.60 -1.65
N ASP A 129 24.02 -0.61 -0.69
CA ASP A 129 25.10 -1.64 -0.69
C ASP A 129 24.53 -3.04 -0.65
N TYR A 130 23.62 -3.27 0.31
CA TYR A 130 22.92 -4.54 0.41
C TYR A 130 22.12 -4.88 -0.84
N ILE A 131 21.41 -3.89 -1.40
CA ILE A 131 20.64 -4.07 -2.64
C ILE A 131 21.52 -4.55 -3.81
N SER A 132 22.69 -3.93 -3.93
CA SER A 132 23.62 -4.21 -5.02
C SER A 132 24.23 -5.59 -4.94
N GLU A 133 24.52 -6.01 -3.72
CA GLU A 133 25.04 -7.33 -3.40
C GLU A 133 24.04 -8.42 -3.81
N CYS A 134 22.77 -8.23 -3.47
CA CYS A 134 21.69 -9.13 -3.89
C CYS A 134 21.62 -9.22 -5.42
N ILE A 135 21.75 -8.08 -6.09
CA ILE A 135 21.73 -8.04 -7.54
C ILE A 135 22.91 -8.81 -8.12
N SER A 136 24.06 -8.71 -7.45
CA SER A 136 25.26 -9.42 -7.88
C SER A 136 25.08 -10.93 -7.75
N ASP A 137 24.52 -11.35 -6.62
CA ASP A 137 24.28 -12.77 -6.38
C ASP A 137 23.28 -13.32 -7.39
N PHE A 138 22.16 -12.63 -7.55
CA PHE A 138 21.13 -13.04 -8.50
C PHE A 138 21.69 -13.30 -9.90
N LEU A 139 22.51 -12.36 -10.38
CA LEU A 139 23.07 -12.44 -11.72
C LEU A 139 24.05 -13.61 -11.85
N ASP A 140 24.71 -13.97 -10.75
CA ASP A 140 25.55 -15.17 -10.68
C ASP A 140 24.72 -16.44 -10.79
N LYS A 141 23.80 -16.65 -9.86
CA LYS A 141 22.88 -17.80 -9.92
C LYS A 141 22.45 -18.13 -11.35
N HIS A 142 22.37 -17.11 -12.20
CA HIS A 142 21.85 -17.27 -13.55
C HIS A 142 22.79 -16.72 -14.62
N GLN A 143 24.09 -16.73 -14.32
CA GLN A 143 25.16 -16.24 -15.21
C GLN A 143 24.63 -15.16 -16.15
N MET A 144 24.58 -13.93 -15.64
CA MET A 144 23.92 -12.81 -16.33
C MET A 144 24.64 -11.47 -16.19
N LYS A 145 25.76 -11.47 -15.46
CA LYS A 145 26.64 -10.30 -15.22
C LYS A 145 27.57 -9.98 -16.41
N HIS A 146 26.97 -9.68 -17.56
CA HIS A 146 27.73 -9.44 -18.80
C HIS A 146 26.83 -8.80 -19.86
N LYS A 147 25.62 -9.33 -19.98
CA LYS A 147 24.59 -8.71 -20.80
C LYS A 147 24.19 -7.47 -20.02
N LYS A 148 24.20 -6.33 -20.71
CA LYS A 148 23.84 -5.10 -20.05
C LYS A 148 22.32 -4.98 -20.17
N LEU A 149 21.64 -5.57 -19.20
CA LEU A 149 20.18 -5.60 -19.18
C LEU A 149 19.63 -4.25 -18.75
N PRO A 150 18.53 -3.81 -19.38
CA PRO A 150 17.80 -2.65 -18.90
C PRO A 150 17.10 -2.97 -17.57
N LEU A 151 17.20 -2.04 -16.62
CA LEU A 151 16.75 -2.24 -15.26
C LEU A 151 15.56 -1.35 -14.94
N GLY A 152 14.48 -1.98 -14.47
CA GLY A 152 13.31 -1.26 -13.97
C GLY A 152 13.19 -1.33 -12.46
N PHE A 153 13.10 -0.16 -11.81
CA PHE A 153 13.06 -0.07 -10.33
C PHE A 153 11.68 0.31 -9.76
N THR A 154 11.01 -0.67 -9.14
CA THR A 154 9.79 -0.43 -8.38
C THR A 154 10.18 -0.03 -6.98
N PHE A 155 9.91 1.24 -6.64
CA PHE A 155 10.37 1.85 -5.40
C PHE A 155 9.14 2.47 -4.70
N SER A 156 8.71 1.83 -3.62
CA SER A 156 7.37 2.07 -3.03
C SER A 156 7.31 3.12 -1.92
N PHE A 157 7.69 4.35 -2.30
CA PHE A 157 7.86 5.50 -1.40
C PHE A 157 7.57 6.77 -2.21
N PRO A 158 7.14 7.87 -1.54
CA PRO A 158 6.89 9.12 -2.28
C PRO A 158 8.14 9.71 -2.94
N VAL A 159 8.10 9.82 -4.27
CA VAL A 159 9.16 10.43 -5.08
C VAL A 159 8.63 11.61 -5.90
N ARG A 160 9.44 12.66 -6.02
CA ARG A 160 9.14 13.73 -6.97
CA ARG A 160 9.18 13.74 -6.94
C ARG A 160 9.95 13.47 -8.24
N HIS A 161 9.25 13.22 -9.34
CA HIS A 161 9.94 12.93 -10.57
C HIS A 161 10.25 14.18 -11.35
N GLU A 162 11.44 14.20 -11.96
CA GLU A 162 11.75 15.10 -13.07
C GLU A 162 11.49 14.35 -14.36
N ASP A 163 11.61 13.02 -14.28
CA ASP A 163 11.46 12.14 -15.43
C ASP A 163 11.15 10.71 -14.99
N ILE A 164 10.96 9.84 -15.97
CA ILE A 164 10.78 8.41 -15.76
C ILE A 164 11.95 7.76 -14.99
N ASP A 165 13.15 8.30 -15.14
CA ASP A 165 14.36 7.69 -14.60
C ASP A 165 15.11 8.54 -13.58
N LYS A 166 14.45 9.58 -13.07
CA LYS A 166 15.08 10.55 -12.19
C LYS A 166 14.03 11.17 -11.29
N GLY A 167 14.23 11.02 -9.98
CA GLY A 167 13.32 11.55 -9.00
C GLY A 167 13.94 11.44 -7.63
N ILE A 168 13.51 12.33 -6.74
CA ILE A 168 14.06 12.42 -5.39
C ILE A 168 13.10 11.85 -4.34
N LEU A 169 13.66 11.21 -3.31
CA LEU A 169 12.87 10.70 -2.19
C LEU A 169 12.37 11.85 -1.32
N LEU A 170 11.04 11.94 -1.19
CA LEU A 170 10.42 13.01 -0.40
C LEU A 170 10.53 12.74 1.11
N ASN A 171 10.06 11.56 1.53
CA ASN A 171 10.28 11.05 2.88
C ASN A 171 10.01 9.56 2.89
N TRP A 172 10.66 8.86 3.82
CA TRP A 172 10.42 7.44 4.00
C TRP A 172 9.05 7.21 4.62
N THR A 173 8.52 6.02 4.39
CA THR A 173 7.26 5.61 4.99
C THR A 173 7.42 4.14 5.40
N LYS A 174 6.45 3.61 6.13
CA LYS A 174 6.41 2.19 6.54
C LYS A 174 7.62 1.72 7.37
N GLY A 175 8.12 2.59 8.24
CA GLY A 175 9.23 2.20 9.10
C GLY A 175 10.64 2.25 8.52
N PHE A 176 10.77 2.46 7.22
CA PHE A 176 12.09 2.74 6.62
C PHE A 176 12.72 4.01 7.22
N LYS A 177 14.03 3.99 7.48
CA LYS A 177 14.73 5.16 8.07
C LYS A 177 16.13 5.48 7.53
N ALA A 178 16.63 4.70 6.58
CA ALA A 178 17.99 4.90 6.10
C ALA A 178 18.35 6.39 5.92
N SER A 179 19.39 6.84 6.63
CA SER A 179 19.82 8.24 6.55
C SER A 179 20.59 8.53 5.26
N GLY A 180 20.63 9.80 4.87
CA GLY A 180 21.28 10.26 3.65
C GLY A 180 20.52 9.96 2.37
N ALA A 181 19.21 9.76 2.46
CA ALA A 181 18.42 9.41 1.28
C ALA A 181 17.33 10.41 0.90
N GLU A 182 16.70 11.06 1.88
CA GLU A 182 15.65 12.05 1.60
C GLU A 182 16.26 13.31 0.98
N GLY A 183 15.70 13.74 -0.15
CA GLY A 183 16.20 14.90 -0.88
C GLY A 183 17.11 14.53 -2.03
N ASN A 184 17.51 13.26 -2.11
CA ASN A 184 18.44 12.78 -3.14
C ASN A 184 17.74 12.00 -4.23
N ASN A 185 18.36 11.97 -5.41
CA ASN A 185 17.94 11.15 -6.54
C ASN A 185 18.17 9.64 -6.29
N VAL A 186 17.05 8.93 -6.18
CA VAL A 186 17.03 7.53 -5.80
C VAL A 186 17.79 6.63 -6.79
N VAL A 187 17.60 6.90 -8.07
CA VAL A 187 18.26 6.18 -9.14
C VAL A 187 19.79 6.40 -9.05
N GLY A 188 20.19 7.62 -8.72
CA GLY A 188 21.57 7.97 -8.42
C GLY A 188 22.16 7.20 -7.24
N LEU A 189 21.39 7.07 -6.16
CA LEU A 189 21.76 6.24 -5.00
C LEU A 189 21.97 4.78 -5.39
N LEU A 190 21.08 4.24 -6.21
CA LEU A 190 21.25 2.92 -6.77
C LEU A 190 22.50 2.81 -7.66
N ARG A 191 22.65 3.74 -8.60
CA ARG A 191 23.78 3.72 -9.54
C ARG A 191 25.11 3.80 -8.83
N ASP A 192 25.21 4.67 -7.82
CA ASP A 192 26.44 4.81 -7.04
C ASP A 192 26.83 3.50 -6.35
N ALA A 193 25.88 2.86 -5.67
CA ALA A 193 26.14 1.60 -4.96
C ALA A 193 26.61 0.45 -5.87
N ILE A 194 26.03 0.37 -7.05
CA ILE A 194 26.46 -0.54 -8.07
C ILE A 194 27.89 -0.28 -8.52
N LYS A 195 28.25 0.97 -8.68
CA LYS A 195 29.57 1.37 -9.10
C LYS A 195 30.59 1.21 -7.98
N ARG A 196 30.12 1.27 -6.73
CA ARG A 196 31.01 1.03 -5.58
C ARG A 196 31.57 -0.40 -5.59
N ARG A 197 30.76 -1.33 -6.09
CA ARG A 197 31.14 -2.72 -6.15
C ARG A 197 32.08 -3.06 -7.31
N GLY A 198 31.74 -2.60 -8.51
CA GLY A 198 32.35 -3.10 -9.71
C GLY A 198 31.56 -4.23 -10.37
N ASP A 199 30.39 -4.53 -9.79
CA ASP A 199 29.21 -5.39 -10.24
C ASP A 199 29.29 -6.22 -11.54
N PHE A 200 28.70 -5.67 -12.59
CA PHE A 200 28.24 -4.31 -12.57
C PHE A 200 27.47 -3.93 -13.82
N GLU A 201 27.03 -2.70 -13.81
CA GLU A 201 26.54 -1.95 -14.97
C GLU A 201 25.24 -2.40 -15.49
N MET A 202 24.23 -1.67 -15.10
CA MET A 202 22.90 -1.83 -15.56
C MET A 202 22.49 -0.48 -16.03
N ASP A 203 21.75 -0.48 -17.10
CA ASP A 203 21.10 0.68 -17.55
C ASP A 203 19.77 0.76 -16.79
N VAL A 204 19.73 1.63 -15.81
CA VAL A 204 18.49 1.91 -15.08
C VAL A 204 17.70 2.89 -15.93
N VAL A 205 16.57 2.41 -16.46
CA VAL A 205 15.80 3.19 -17.44
C VAL A 205 14.45 3.74 -16.93
N ALA A 206 13.97 3.21 -15.80
CA ALA A 206 12.65 3.56 -15.25
C ALA A 206 12.52 3.27 -13.76
N MET A 207 11.98 4.24 -13.04
CA MET A 207 11.58 4.04 -11.65
C MET A 207 10.08 4.33 -11.48
N VAL A 208 9.36 3.33 -10.96
CA VAL A 208 7.93 3.44 -10.75
C VAL A 208 7.52 3.09 -9.29
N ASN A 209 6.34 3.56 -8.89
CA ASN A 209 5.71 3.18 -7.62
C ASN A 209 5.05 1.82 -7.79
N ASP A 210 4.84 1.06 -6.71
CA ASP A 210 4.14 -0.24 -6.81
C ASP A 210 2.70 -0.19 -7.30
N THR A 211 1.98 0.89 -6.97
CA THR A 211 0.65 1.14 -7.53
C THR A 211 0.74 1.21 -9.06
N VAL A 212 1.74 1.94 -9.54
CA VAL A 212 1.96 2.15 -10.97
C VAL A 212 2.25 0.81 -11.68
N ALA A 213 3.13 0.00 -11.07
CA ALA A 213 3.56 -1.29 -11.63
C ALA A 213 2.39 -2.24 -11.75
N THR A 214 1.58 -2.27 -10.69
CA THR A 214 0.34 -3.07 -10.63
C THR A 214 -0.72 -2.65 -11.65
N MET A 215 -0.91 -1.35 -11.85
CA MET A 215 -1.82 -0.89 -12.90
C MET A 215 -1.30 -1.30 -14.27
N ILE A 216 -0.02 -1.01 -14.55
CA ILE A 216 0.61 -1.34 -15.84
C ILE A 216 0.51 -2.83 -16.17
N SER A 217 0.79 -3.71 -15.20
CA SER A 217 0.67 -5.16 -15.43
C SER A 217 -0.76 -5.67 -15.66
N CYS A 218 -1.76 -5.04 -15.05
CA CYS A 218 -3.15 -5.46 -15.25
C CYS A 218 -3.72 -4.98 -16.59
N TYR A 219 -3.10 -3.94 -17.15
CA TYR A 219 -3.56 -3.32 -18.40
C TYR A 219 -3.64 -4.27 -19.60
N TYR A 220 -2.76 -5.26 -19.67
CA TYR A 220 -2.69 -6.07 -20.89
C TYR A 220 -3.74 -7.20 -21.01
N GLU A 221 -4.28 -7.66 -19.87
CA GLU A 221 -5.44 -8.55 -19.91
C GLU A 221 -6.76 -7.76 -19.85
N ASP A 222 -6.64 -6.48 -19.52
CA ASP A 222 -7.79 -5.58 -19.46
C ASP A 222 -7.33 -4.15 -19.74
N HIS A 223 -7.55 -3.71 -20.98
CA HIS A 223 -7.22 -2.34 -21.38
C HIS A 223 -8.05 -1.24 -20.68
N GLN A 224 -9.12 -1.63 -19.97
CA GLN A 224 -9.91 -0.69 -19.16
C GLN A 224 -9.25 -0.34 -17.81
N CYS A 225 -8.11 -0.97 -17.51
CA CYS A 225 -7.43 -0.74 -16.23
C CYS A 225 -6.68 0.57 -16.22
N GLU A 226 -7.21 1.55 -15.49
CA GLU A 226 -6.56 2.86 -15.41
C GLU A 226 -6.39 3.36 -13.98
N VAL A 227 -6.59 2.45 -13.01
CA VAL A 227 -6.34 2.67 -11.58
C VAL A 227 -5.48 1.51 -11.02
N GLY A 228 -4.50 1.84 -10.20
CA GLY A 228 -3.71 0.86 -9.46
C GLY A 228 -3.82 1.12 -7.97
N MET A 229 -4.11 0.07 -7.21
CA MET A 229 -4.25 0.17 -5.74
C MET A 229 -3.39 -0.85 -4.98
N ILE A 230 -2.76 -0.41 -3.88
CA ILE A 230 -2.07 -1.31 -2.99
C ILE A 230 -2.67 -1.18 -1.59
N VAL A 231 -3.02 -2.33 -1.02
CA VAL A 231 -3.44 -2.49 0.38
C VAL A 231 -2.62 -3.66 0.96
N GLY A 232 -1.35 -3.37 1.26
CA GLY A 232 -0.46 -4.37 1.85
C GLY A 232 -0.02 -3.89 3.23
N THR A 233 1.28 -3.68 3.38
CA THR A 233 1.87 -3.06 4.57
C THR A 233 1.38 -1.60 4.68
N GLY A 234 1.45 -0.92 3.54
CA GLY A 234 0.90 0.40 3.35
C GLY A 234 -0.32 0.40 2.45
N CYS A 235 -0.85 1.59 2.19
CA CYS A 235 -2.04 1.72 1.38
C CYS A 235 -1.84 2.95 0.49
N ASN A 236 -2.01 2.78 -0.81
CA ASN A 236 -1.84 3.89 -1.75
C ASN A 236 -2.61 3.63 -3.05
N ALA A 237 -2.79 4.67 -3.88
CA ALA A 237 -3.37 4.50 -5.22
C ALA A 237 -2.83 5.47 -6.29
N CYS A 238 -2.90 5.03 -7.55
CA CYS A 238 -2.54 5.81 -8.72
C CYS A 238 -3.66 5.69 -9.77
N TYR A 239 -3.72 6.64 -10.70
CA TYR A 239 -4.78 6.67 -11.72
C TYR A 239 -4.32 7.47 -12.96
N MET A 240 -4.96 7.28 -14.10
CA MET A 240 -4.67 8.07 -15.31
C MET A 240 -5.37 9.44 -15.29
N GLU A 241 -4.59 10.51 -15.08
CA GLU A 241 -5.10 11.87 -15.08
C GLU A 241 -4.99 12.51 -16.48
N GLU A 242 -5.86 13.47 -16.79
CA GLU A 242 -5.79 14.25 -18.03
C GLU A 242 -4.59 15.20 -17.93
N MET A 243 -3.73 15.23 -18.94
CA MET A 243 -2.56 16.13 -18.89
C MET A 243 -2.92 17.58 -18.60
N GLN A 244 -4.12 18.01 -19.00
CA GLN A 244 -4.55 19.39 -18.73
C GLN A 244 -4.74 19.68 -17.23
N ASN A 245 -4.94 18.64 -16.44
CA ASN A 245 -5.15 18.78 -15.00
C ASN A 245 -3.87 18.61 -14.18
N VAL A 246 -2.80 18.15 -14.82
CA VAL A 246 -1.51 17.99 -14.17
C VAL A 246 -0.70 19.28 -14.32
N GLU A 247 -1.04 20.28 -13.53
CA GLU A 247 -0.37 21.58 -13.60
C GLU A 247 1.16 21.53 -13.41
N LEU A 248 1.67 20.51 -12.72
CA LEU A 248 3.13 20.43 -12.42
C LEU A 248 3.97 19.98 -13.63
N VAL A 249 3.31 19.48 -14.69
CA VAL A 249 4.01 19.05 -15.90
C VAL A 249 3.59 19.86 -17.13
N GLU A 250 4.53 20.06 -18.06
CA GLU A 250 4.30 20.78 -19.30
C GLU A 250 3.48 19.96 -20.30
N GLY A 251 2.43 20.58 -20.87
CA GLY A 251 1.60 19.93 -21.88
C GLY A 251 0.19 19.57 -21.43
N ASP A 252 -0.74 19.58 -22.37
CA ASP A 252 -2.17 19.37 -22.10
C ASP A 252 -2.75 18.25 -22.93
N GLU A 253 -1.91 17.53 -23.66
CA GLU A 253 -2.41 16.49 -24.55
C GLU A 253 -2.15 15.10 -23.97
N GLY A 254 -3.17 14.26 -24.06
CA GLY A 254 -3.10 12.90 -23.54
C GLY A 254 -3.28 12.80 -22.04
N ARG A 255 -2.78 11.71 -21.49
CA ARG A 255 -2.97 11.37 -20.10
C ARG A 255 -1.66 11.00 -19.44
N MET A 256 -1.55 11.23 -18.14
CA MET A 256 -0.39 10.78 -17.36
C MET A 256 -0.80 10.13 -16.03
N CYS A 257 -0.03 9.13 -15.61
CA CYS A 257 -0.26 8.49 -14.32
C CYS A 257 0.10 9.41 -13.14
N VAL A 258 -0.79 9.43 -12.14
CA VAL A 258 -0.60 10.21 -10.92
C VAL A 258 -0.59 9.31 -9.68
N ASN A 259 0.48 9.42 -8.90
CA ASN A 259 0.62 8.72 -7.64
C ASN A 259 0.04 9.56 -6.50
N THR A 260 -1.16 9.19 -6.04
CA THR A 260 -1.86 10.02 -5.05
C THR A 260 -1.02 10.25 -3.80
N GLU A 261 -0.37 9.18 -3.32
CA GLU A 261 0.19 9.13 -1.97
C GLU A 261 -0.91 9.47 -0.94
N TRP A 262 -2.07 8.83 -1.07
CA TRP A 262 -3.20 9.19 -0.23
C TRP A 262 -3.05 8.73 1.24
N GLY A 263 -2.02 7.93 1.50
CA GLY A 263 -1.69 7.54 2.87
C GLY A 263 -1.52 8.69 3.83
N ALA A 264 -1.05 9.84 3.31
CA ALA A 264 -0.79 11.04 4.09
C ALA A 264 -2.03 11.93 4.28
N PHE A 265 -3.14 11.56 3.66
CA PHE A 265 -4.40 12.20 3.97
C PHE A 265 -4.61 12.16 5.49
N GLY A 266 -5.06 13.28 6.06
CA GLY A 266 -5.17 13.39 7.52
C GLY A 266 -3.97 14.00 8.24
N ASP A 267 -2.88 14.27 7.53
CA ASP A 267 -1.64 14.78 8.15
C ASP A 267 -1.72 16.27 8.54
N SER A 268 -2.73 16.96 7.99
CA SER A 268 -3.08 18.33 8.36
C SER A 268 -4.44 18.41 9.10
N GLY A 269 -4.88 17.31 9.72
CA GLY A 269 -6.08 17.32 10.56
C GLY A 269 -7.41 16.89 9.93
N GLU A 270 -7.36 16.41 8.68
CA GLU A 270 -8.58 16.11 7.90
C GLU A 270 -9.38 14.91 8.42
N LEU A 271 -8.77 14.08 9.27
CA LEU A 271 -9.41 12.89 9.82
C LEU A 271 -9.65 12.98 11.34
N ASP A 272 -9.32 14.12 11.93
CA ASP A 272 -9.38 14.31 13.37
C ASP A 272 -10.68 13.89 14.05
N GLU A 273 -11.85 14.20 13.47
CA GLU A 273 -13.09 13.75 14.11
C GLU A 273 -13.21 12.23 14.20
N PHE A 274 -12.36 11.46 13.50
CA PHE A 274 -12.51 10.00 13.41
C PHE A 274 -11.41 9.22 14.14
N LEU A 275 -10.36 9.89 14.59
CA LEU A 275 -9.24 9.16 15.21
C LEU A 275 -9.58 8.75 16.65
N LEU A 276 -9.21 7.53 17.01
CA LEU A 276 -9.56 6.94 18.30
C LEU A 276 -8.32 6.86 19.15
N GLU A 277 -8.48 6.67 20.45
CA GLU A 277 -7.36 6.44 21.35
C GLU A 277 -6.32 5.47 20.73
N TYR A 278 -6.81 4.40 20.08
CA TYR A 278 -5.94 3.32 19.60
C TYR A 278 -5.03 3.80 18.47
N ASP A 279 -5.59 4.69 17.65
CA ASP A 279 -4.89 5.28 16.49
C ASP A 279 -3.77 6.21 16.92
N ARG A 280 -4.03 7.02 17.96
CA ARG A 280 -3.00 7.91 18.56
C ARG A 280 -1.83 7.12 19.14
N LEU A 281 -2.14 6.04 19.85
CA LEU A 281 -1.11 5.14 20.39
C LEU A 281 -0.27 4.51 19.28
N VAL A 282 -0.94 4.04 18.25
CA VAL A 282 -0.23 3.47 17.10
C VAL A 282 0.63 4.53 16.41
N ASP A 283 0.07 5.72 16.23
CA ASP A 283 0.84 6.80 15.61
C ASP A 283 2.08 7.18 16.44
N GLU A 284 1.87 7.34 17.74
CA GLU A 284 2.93 7.78 18.64
C GLU A 284 4.06 6.77 18.86
N SER A 285 3.81 5.48 18.66
CA SER A 285 4.92 4.53 18.78
C SER A 285 5.49 4.11 17.42
N SER A 286 5.17 4.87 16.36
CA SER A 286 5.57 4.49 15.01
C SER A 286 6.89 5.14 14.66
N ALA A 287 7.53 4.69 13.57
CA ALA A 287 8.75 5.34 13.06
C ALA A 287 8.46 6.73 12.50
N ASN A 288 7.22 7.01 12.11
CA ASN A 288 6.90 8.32 11.52
C ASN A 288 5.69 9.01 12.14
N PRO A 289 5.81 9.45 13.40
CA PRO A 289 4.63 9.94 14.10
C PRO A 289 4.10 11.27 13.54
N GLY A 290 2.79 11.37 13.38
CA GLY A 290 2.15 12.53 12.73
C GLY A 290 2.00 12.38 11.22
N GLN A 291 2.57 11.29 10.68
CA GLN A 291 2.62 11.06 9.23
C GLN A 291 1.84 9.81 8.85
N GLN A 292 1.42 9.77 7.59
CA GLN A 292 0.71 8.61 7.01
C GLN A 292 -0.47 8.18 7.85
N LEU A 293 -1.30 9.12 8.27
CA LEU A 293 -2.38 8.83 9.23
C LEU A 293 -3.53 8.00 8.63
N TYR A 294 -3.88 8.29 7.37
CA TYR A 294 -4.94 7.54 6.64
C TYR A 294 -4.49 6.08 6.43
N GLU A 295 -3.27 5.90 5.93
CA GLU A 295 -2.66 4.58 5.87
C GLU A 295 -2.66 3.80 7.20
N LYS A 296 -2.42 4.47 8.31
CA LYS A 296 -2.40 3.83 9.64
C LYS A 296 -3.76 3.30 10.12
N LEU A 297 -4.83 3.67 9.39
CA LEU A 297 -6.18 3.17 9.63
C LEU A 297 -6.43 1.89 8.84
N ILE A 298 -5.62 1.66 7.81
CA ILE A 298 -5.87 0.62 6.82
C ILE A 298 -4.72 -0.41 6.67
N GLY A 299 -3.50 0.08 6.49
CA GLY A 299 -2.34 -0.77 6.16
C GLY A 299 -2.06 -1.89 7.15
N GLY A 300 -1.54 -3.01 6.63
CA GLY A 300 -1.25 -4.21 7.43
C GLY A 300 -0.10 -4.09 8.41
N LYS A 301 0.77 -3.09 8.22
CA LYS A 301 1.81 -2.79 9.21
C LYS A 301 1.21 -2.40 10.57
N TYR A 302 -0.01 -1.86 10.54
CA TYR A 302 -0.65 -1.25 11.70
C TYR A 302 -1.91 -1.95 12.19
N MET A 303 -2.50 -2.79 11.33
CA MET A 303 -3.77 -3.46 11.62
C MET A 303 -3.77 -4.38 12.85
N GLY A 304 -2.82 -5.30 12.94
CA GLY A 304 -2.80 -6.24 14.06
C GLY A 304 -2.55 -5.51 15.37
N GLU A 305 -1.62 -4.56 15.32
CA GLU A 305 -1.25 -3.71 16.45
C GLU A 305 -2.45 -2.93 17.00
N LEU A 306 -3.28 -2.39 16.12
CA LEU A 306 -4.56 -1.78 16.50
C LEU A 306 -5.46 -2.77 17.21
N VAL A 307 -5.57 -4.01 16.70
CA VAL A 307 -6.34 -5.06 17.39
C VAL A 307 -5.76 -5.38 18.77
N ARG A 308 -4.44 -5.44 18.87
CA ARG A 308 -3.76 -5.68 20.14
C ARG A 308 -4.16 -4.66 21.22
N LEU A 309 -4.19 -3.39 20.86
CA LEU A 309 -4.56 -2.32 21.77
C LEU A 309 -6.03 -2.35 22.22
N VAL A 310 -6.92 -2.79 21.33
CA VAL A 310 -8.33 -3.02 21.69
C VAL A 310 -8.45 -4.15 22.73
N LEU A 311 -7.71 -5.23 22.53
CA LEU A 311 -7.69 -6.34 23.49
C LEU A 311 -7.11 -5.93 24.88
N LEU A 312 -6.09 -5.07 24.88
CA LEU A 312 -5.57 -4.53 26.13
C LEU A 312 -6.59 -3.66 26.91
N ARG A 313 -7.33 -2.83 26.21
CA ARG A 313 -8.44 -2.05 26.81
C ARG A 313 -9.55 -2.99 27.31
N LEU A 314 -9.88 -4.01 26.52
CA LEU A 314 -10.84 -5.03 26.97
C LEU A 314 -10.34 -5.81 28.22
N VAL A 315 -9.05 -6.12 28.26
CA VAL A 315 -8.40 -6.70 29.45
C VAL A 315 -8.43 -5.74 30.66
N ASP A 316 -8.17 -4.46 30.41
CA ASP A 316 -8.20 -3.48 31.47
C ASP A 316 -9.60 -3.21 32.06
N GLU A 317 -10.66 -3.50 31.29
CA GLU A 317 -12.03 -3.29 31.75
C GLU A 317 -12.58 -4.57 32.34
N ASN A 318 -11.73 -5.58 32.52
CA ASN A 318 -12.16 -6.87 33.07
C ASN A 318 -13.17 -7.58 32.20
N LEU A 319 -13.02 -7.47 30.89
CA LEU A 319 -14.00 -8.04 29.97
C LEU A 319 -13.39 -9.19 29.19
N LEU A 320 -12.08 -9.36 29.31
CA LEU A 320 -11.35 -10.34 28.52
C LEU A 320 -10.26 -10.98 29.36
N PHE A 321 -10.05 -12.28 29.13
CA PHE A 321 -8.97 -13.06 29.75
C PHE A 321 -8.86 -12.87 31.26
N HIS A 322 -10.01 -12.76 31.94
CA HIS A 322 -10.04 -12.60 33.40
C HIS A 322 -9.40 -11.31 33.90
N GLY A 323 -9.08 -10.39 32.98
CA GLY A 323 -8.45 -9.13 33.34
C GLY A 323 -6.94 -9.22 33.48
N GLU A 324 -6.35 -10.24 32.84
CA GLU A 324 -4.88 -10.36 32.79
C GLU A 324 -4.35 -10.55 31.38
N ALA A 325 -3.26 -9.84 31.08
CA ALA A 325 -2.63 -9.87 29.77
C ALA A 325 -1.27 -10.55 29.86
N SER A 326 -1.06 -11.56 29.02
CA SER A 326 0.21 -12.27 28.95
C SER A 326 1.33 -11.31 28.60
N GLU A 327 2.54 -11.69 28.93
CA GLU A 327 3.73 -10.96 28.52
C GLU A 327 3.78 -10.79 26.97
N GLN A 328 3.38 -11.83 26.24
CA GLN A 328 3.28 -11.78 24.77
C GLN A 328 2.21 -10.78 24.28
N LEU A 329 1.07 -10.69 24.97
CA LEU A 329 0.03 -9.72 24.59
C LEU A 329 0.48 -8.27 24.83
N ARG A 330 1.38 -8.10 25.77
CA ARG A 330 1.88 -6.78 26.14
C ARG A 330 3.16 -6.39 25.39
N THR A 331 3.60 -7.21 24.44
CA THR A 331 4.73 -6.82 23.59
C THR A 331 4.31 -6.28 22.20
N ARG A 332 5.06 -5.29 21.75
CA ARG A 332 4.78 -4.59 20.48
C ARG A 332 4.82 -5.54 19.29
N GLY A 333 3.82 -5.43 18.41
CA GLY A 333 3.79 -6.14 17.13
C GLY A 333 3.45 -7.62 17.21
N ALA A 334 3.07 -8.08 18.41
CA ALA A 334 2.81 -9.49 18.69
C ALA A 334 1.49 -10.01 18.14
N PHE A 335 0.47 -9.16 18.06
CA PHE A 335 -0.74 -9.53 17.34
C PHE A 335 -0.50 -9.18 15.87
N GLU A 336 -0.07 -10.19 15.12
CA GLU A 336 0.24 -10.03 13.71
C GLU A 336 -1.04 -9.80 12.91
N THR A 337 -0.92 -9.04 11.83
CA THR A 337 -2.05 -8.76 10.96
C THR A 337 -2.61 -10.07 10.38
N ARG A 338 -1.72 -11.00 10.02
CA ARG A 338 -2.16 -12.32 9.58
C ARG A 338 -3.12 -13.02 10.58
N PHE A 339 -2.94 -12.78 11.88
CA PHE A 339 -3.82 -13.32 12.91
C PHE A 339 -5.20 -12.71 12.81
N VAL A 340 -5.28 -11.45 12.38
CA VAL A 340 -6.57 -10.82 12.11
C VAL A 340 -7.30 -11.57 10.98
N SER A 341 -6.58 -11.88 9.89
CA SER A 341 -7.14 -12.69 8.81
C SER A 341 -7.58 -14.06 9.28
N GLN A 342 -6.71 -14.71 10.08
CA GLN A 342 -6.90 -16.10 10.51
C GLN A 342 -8.02 -16.26 11.53
N VAL A 343 -8.18 -15.28 12.41
CA VAL A 343 -9.29 -15.21 13.36
C VAL A 343 -10.64 -15.10 12.63
N GLU A 344 -10.70 -14.26 11.59
CA GLU A 344 -11.93 -14.06 10.83
C GLU A 344 -12.20 -15.19 9.82
N SER A 345 -11.21 -16.05 9.62
CA SER A 345 -11.34 -17.27 8.79
C SER A 345 -11.98 -18.42 9.54
N ASP A 346 -11.98 -18.32 10.86
CA ASP A 346 -12.57 -19.33 11.73
C ASP A 346 -14.01 -19.70 11.29
N THR A 347 -14.30 -20.99 11.25
CA THR A 347 -15.59 -21.45 10.71
C THR A 347 -16.73 -21.67 11.73
N GLY A 348 -16.46 -21.36 13.01
CA GLY A 348 -17.50 -21.33 14.05
C GLY A 348 -17.19 -22.08 15.33
N ASP A 349 -16.30 -23.07 15.23
CA ASP A 349 -15.91 -23.90 16.36
C ASP A 349 -14.76 -23.31 17.23
N ARG A 350 -14.24 -22.14 16.84
CA ARG A 350 -13.25 -21.37 17.63
C ARG A 350 -11.83 -21.92 17.69
N LYS A 351 -11.53 -22.98 16.96
CA LYS A 351 -10.20 -23.62 17.07
C LYS A 351 -9.01 -22.80 16.55
N GLN A 352 -9.20 -21.99 15.51
CA GLN A 352 -8.11 -21.18 14.98
C GLN A 352 -7.82 -20.01 15.92
N ILE A 353 -8.87 -19.37 16.41
CA ILE A 353 -8.76 -18.33 17.43
C ILE A 353 -8.08 -18.90 18.69
N TYR A 354 -8.48 -20.10 19.10
CA TYR A 354 -7.89 -20.74 20.26
C TYR A 354 -6.37 -20.95 20.16
N ASN A 355 -5.90 -21.57 19.09
CA ASN A 355 -4.47 -21.79 18.90
C ASN A 355 -3.61 -20.52 18.79
N ILE A 356 -4.13 -19.47 18.14
CA ILE A 356 -3.44 -18.16 18.07
C ILE A 356 -3.25 -17.55 19.46
N LEU A 357 -4.32 -17.55 20.25
CA LEU A 357 -4.33 -16.93 21.58
C LEU A 357 -3.55 -17.77 22.59
N SER A 358 -3.71 -19.09 22.48
CA SER A 358 -2.97 -20.04 23.30
C SER A 358 -1.47 -19.87 23.08
N THR A 359 -1.04 -19.79 21.82
CA THR A 359 0.36 -19.49 21.48
C THR A 359 0.83 -18.10 21.98
N LEU A 360 -0.12 -17.23 22.32
CA LEU A 360 0.21 -15.92 22.88
C LEU A 360 0.20 -15.93 24.42
N GLY A 361 0.19 -17.13 25.00
CA GLY A 361 0.32 -17.31 26.46
C GLY A 361 -0.95 -16.97 27.22
N LEU A 362 -2.08 -17.06 26.52
CA LEU A 362 -3.38 -16.79 27.12
C LEU A 362 -4.14 -18.10 27.29
N ARG A 363 -5.15 -18.07 28.15
CA ARG A 363 -5.96 -19.24 28.45
C ARG A 363 -7.44 -18.94 28.14
N PRO A 364 -7.80 -18.78 26.85
CA PRO A 364 -9.10 -18.17 26.54
C PRO A 364 -10.29 -19.11 26.70
N SER A 365 -11.39 -18.56 27.20
CA SER A 365 -12.66 -19.28 27.15
C SER A 365 -13.27 -19.20 25.75
N THR A 366 -14.38 -19.89 25.56
CA THR A 366 -15.23 -19.73 24.40
C THR A 366 -15.61 -18.25 24.13
N THR A 367 -16.04 -17.52 25.17
CA THR A 367 -16.51 -16.14 24.99
C THR A 367 -15.37 -15.14 24.77
N ASP A 368 -14.19 -15.42 25.31
CA ASP A 368 -12.97 -14.67 25.00
C ASP A 368 -12.69 -14.72 23.51
N CYS A 369 -12.68 -15.94 22.98
CA CYS A 369 -12.47 -16.21 21.57
C CYS A 369 -13.42 -15.41 20.65
N ASP A 370 -14.71 -15.41 20.97
CA ASP A 370 -15.72 -14.67 20.19
C ASP A 370 -15.53 -13.15 20.23
N ILE A 371 -15.08 -12.66 21.38
CA ILE A 371 -14.84 -11.23 21.61
C ILE A 371 -13.63 -10.77 20.81
N VAL A 372 -12.62 -11.64 20.71
CA VAL A 372 -11.41 -11.37 19.94
C VAL A 372 -11.76 -11.31 18.46
N ARG A 373 -12.68 -12.16 18.03
CA ARG A 373 -13.21 -12.09 16.66
C ARG A 373 -13.93 -10.79 16.38
N ARG A 374 -14.70 -10.31 17.35
CA ARG A 374 -15.47 -9.07 17.20
C ARG A 374 -14.55 -7.86 17.09
N ALA A 375 -13.43 -7.90 17.81
CA ALA A 375 -12.37 -6.89 17.77
C ALA A 375 -11.68 -6.84 16.41
N CYS A 376 -11.35 -8.01 15.86
CA CYS A 376 -10.74 -8.11 14.54
C CYS A 376 -11.70 -7.59 13.46
N GLU A 377 -12.97 -8.02 13.53
CA GLU A 377 -14.01 -7.57 12.61
C GLU A 377 -14.19 -6.06 12.66
N SER A 378 -14.18 -5.48 13.87
CA SER A 378 -14.39 -4.04 14.06
C SER A 378 -13.28 -3.21 13.42
N VAL A 379 -12.02 -3.60 13.68
CA VAL A 379 -10.84 -2.97 13.08
C VAL A 379 -10.71 -3.14 11.55
N SER A 380 -10.96 -4.34 11.01
CA SER A 380 -10.75 -4.55 9.56
C SER A 380 -11.90 -4.02 8.71
N THR A 381 -13.09 -3.98 9.29
CA THR A 381 -14.23 -3.37 8.64
C THR A 381 -14.04 -1.88 8.50
N ARG A 382 -13.49 -1.24 9.53
CA ARG A 382 -13.19 0.17 9.46
C ARG A 382 -12.17 0.46 8.36
N ALA A 383 -11.10 -0.32 8.33
CA ALA A 383 -10.09 -0.25 7.27
C ALA A 383 -10.76 -0.33 5.89
N ALA A 384 -11.65 -1.30 5.74
CA ALA A 384 -12.32 -1.56 4.45
C ALA A 384 -13.14 -0.34 4.01
N HIS A 385 -13.84 0.28 4.96
CA HIS A 385 -14.70 1.40 4.70
C HIS A 385 -13.95 2.71 4.51
N MET A 386 -12.94 2.97 5.34
CA MET A 386 -12.03 4.10 5.12
C MET A 386 -11.38 4.02 3.74
N CYS A 387 -10.95 2.80 3.36
CA CYS A 387 -10.31 2.60 2.05
C CYS A 387 -11.27 2.91 0.90
N SER A 388 -12.56 2.61 1.08
CA SER A 388 -13.54 2.72 0.00
C SER A 388 -13.86 4.16 -0.31
N ALA A 389 -13.72 5.03 0.69
CA ALA A 389 -13.94 6.46 0.49
C ALA A 389 -12.86 7.08 -0.37
N GLY A 390 -11.61 6.62 -0.21
CA GLY A 390 -10.50 6.96 -1.10
C GLY A 390 -10.69 6.54 -2.57
N LEU A 391 -10.86 5.24 -2.82
CA LEU A 391 -11.10 4.77 -4.19
C LEU A 391 -12.33 5.47 -4.85
N ALA A 392 -13.44 5.54 -4.13
CA ALA A 392 -14.60 6.20 -4.66
C ALA A 392 -14.30 7.67 -5.05
N GLY A 393 -13.53 8.38 -4.23
CA GLY A 393 -13.07 9.73 -4.56
C GLY A 393 -12.38 9.80 -5.93
N VAL A 394 -11.30 9.03 -6.07
CA VAL A 394 -10.54 8.85 -7.31
C VAL A 394 -11.43 8.57 -8.51
N ILE A 395 -12.29 7.54 -8.39
CA ILE A 395 -13.17 7.11 -9.47
C ILE A 395 -14.28 8.12 -9.79
N ASN A 396 -14.87 8.74 -8.76
CA ASN A 396 -15.81 9.83 -8.96
C ASN A 396 -15.15 11.02 -9.65
N ARG A 397 -13.93 11.37 -9.22
CA ARG A 397 -13.09 12.37 -9.91
C ARG A 397 -12.87 12.05 -11.40
N MET A 398 -12.60 10.80 -11.72
CA MET A 398 -12.37 10.41 -13.11
C MET A 398 -13.62 10.43 -13.97
N ARG A 399 -14.79 10.08 -13.39
CA ARG A 399 -16.07 10.17 -14.10
C ARG A 399 -16.36 11.60 -14.48
N GLU A 400 -16.10 12.50 -13.57
CA GLU A 400 -16.36 13.91 -13.69
C GLU A 400 -15.39 14.60 -14.64
N SER A 401 -14.19 14.09 -14.84
CA SER A 401 -13.25 14.63 -15.83
C SER A 401 -13.47 14.12 -17.25
N ARG A 402 -14.41 13.20 -17.42
CA ARG A 402 -14.67 12.56 -18.72
C ARG A 402 -16.11 12.83 -19.22
N SER A 403 -16.45 12.38 -20.43
CA SER A 403 -17.72 12.78 -21.11
C SER A 403 -18.94 11.85 -20.94
N GLU A 404 -18.71 10.53 -20.93
CA GLU A 404 -19.76 9.50 -20.76
C GLU A 404 -20.56 9.58 -19.45
N ASP A 405 -21.83 9.14 -19.52
CA ASP A 405 -22.74 9.15 -18.36
C ASP A 405 -22.45 8.02 -17.37
N VAL A 406 -22.15 6.84 -17.89
CA VAL A 406 -21.74 5.71 -17.05
C VAL A 406 -20.27 5.45 -17.32
N MET A 407 -19.47 5.52 -16.26
CA MET A 407 -18.04 5.18 -16.39
C MET A 407 -17.72 3.69 -16.14
N ARG A 408 -17.15 3.05 -17.15
CA ARG A 408 -16.73 1.66 -17.07
C ARG A 408 -15.22 1.58 -16.85
N ILE A 409 -14.83 1.19 -15.65
CA ILE A 409 -13.43 1.27 -15.20
C ILE A 409 -12.95 -0.04 -14.53
N THR A 410 -11.72 -0.44 -14.83
CA THR A 410 -11.08 -1.55 -14.14
C THR A 410 -10.01 -1.05 -13.18
N VAL A 411 -9.97 -1.66 -11.98
CA VAL A 411 -8.98 -1.38 -10.94
C VAL A 411 -8.06 -2.61 -10.74
N GLY A 412 -6.75 -2.36 -10.83
CA GLY A 412 -5.72 -3.37 -10.55
C GLY A 412 -5.27 -3.30 -9.10
N VAL A 413 -5.22 -4.45 -8.42
CA VAL A 413 -5.02 -4.48 -6.98
C VAL A 413 -4.02 -5.55 -6.59
N ASP A 414 -3.17 -5.18 -5.64
CA ASP A 414 -2.23 -6.10 -5.00
C ASP A 414 -2.16 -5.71 -3.53
N GLY A 415 -1.44 -6.50 -2.74
CA GLY A 415 -1.31 -6.32 -1.30
C GLY A 415 -1.88 -7.50 -0.53
N SER A 416 -1.12 -8.00 0.44
CA SER A 416 -1.58 -9.09 1.32
C SER A 416 -2.89 -8.88 2.08
N VAL A 417 -3.27 -7.63 2.41
CA VAL A 417 -4.52 -7.40 3.14
C VAL A 417 -5.73 -7.59 2.21
N TYR A 418 -5.72 -6.91 1.08
CA TYR A 418 -6.76 -7.12 0.09
C TYR A 418 -6.86 -8.60 -0.30
N LYS A 419 -5.71 -9.23 -0.54
CA LYS A 419 -5.68 -10.57 -1.12
C LYS A 419 -5.93 -11.69 -0.12
N LEU A 420 -5.41 -11.56 1.10
CA LEU A 420 -5.40 -12.68 2.04
C LEU A 420 -6.46 -12.59 3.13
N HIS A 421 -6.96 -11.39 3.41
CA HIS A 421 -8.01 -11.26 4.41
C HIS A 421 -9.36 -11.76 3.88
N PRO A 422 -10.02 -12.67 4.62
CA PRO A 422 -11.16 -13.41 4.05
C PRO A 422 -12.38 -12.58 3.65
N SER A 423 -12.46 -11.32 4.09
CA SER A 423 -13.69 -10.56 3.92
C SER A 423 -13.51 -9.05 3.76
N PHE A 424 -12.26 -8.58 3.81
CA PHE A 424 -11.90 -7.18 3.59
C PHE A 424 -12.45 -6.79 2.23
N LYS A 425 -12.01 -7.56 1.25
CA LYS A 425 -12.30 -7.42 -0.17
C LYS A 425 -13.79 -7.23 -0.43
N GLU A 426 -14.63 -8.05 0.19
CA GLU A 426 -16.06 -8.01 -0.09
C GLU A 426 -16.75 -6.81 0.56
N ARG A 427 -16.32 -6.49 1.79
CA ARG A 427 -16.75 -5.27 2.48
C ARG A 427 -16.30 -4.04 1.72
N PHE A 428 -15.07 -4.09 1.22
CA PHE A 428 -14.50 -2.98 0.51
C PHE A 428 -15.26 -2.73 -0.80
N HIS A 429 -15.50 -3.79 -1.57
CA HIS A 429 -16.18 -3.65 -2.87
C HIS A 429 -17.58 -3.07 -2.75
N ALA A 430 -18.33 -3.58 -1.76
CA ALA A 430 -19.71 -3.21 -1.59
C ALA A 430 -19.82 -1.74 -1.17
N SER A 431 -18.90 -1.31 -0.34
CA SER A 431 -18.84 0.07 0.10
C SER A 431 -18.45 1.03 -1.03
N VAL A 432 -17.40 0.71 -1.78
CA VAL A 432 -17.04 1.45 -3.02
C VAL A 432 -18.26 1.61 -3.94
N ARG A 433 -19.01 0.52 -4.12
CA ARG A 433 -20.16 0.53 -5.04
C ARG A 433 -21.32 1.39 -4.57
N ARG A 434 -21.48 1.55 -3.25
CA ARG A 434 -22.50 2.45 -2.69
C ARG A 434 -22.15 3.92 -2.87
N LEU A 435 -20.85 4.18 -3.07
CA LEU A 435 -20.31 5.54 -3.18
C LEU A 435 -19.99 5.94 -4.61
N THR A 436 -20.13 5.00 -5.55
CA THR A 436 -19.86 5.28 -6.96
C THR A 436 -21.02 4.95 -7.88
N PRO A 437 -22.18 5.61 -7.70
CA PRO A 437 -23.25 5.50 -8.68
C PRO A 437 -22.77 5.90 -10.09
N SER A 438 -23.37 5.31 -11.11
CA SER A 438 -23.02 5.66 -12.48
C SER A 438 -21.63 5.20 -12.91
N CYS A 439 -20.98 4.40 -12.04
CA CYS A 439 -19.74 3.69 -12.36
C CYS A 439 -19.94 2.17 -12.37
N GLU A 440 -19.29 1.51 -13.32
CA GLU A 440 -19.18 0.05 -13.34
C GLU A 440 -17.71 -0.32 -13.13
N ILE A 441 -17.40 -0.74 -11.90
CA ILE A 441 -16.03 -0.99 -11.51
C ILE A 441 -15.71 -2.48 -11.49
N THR A 442 -14.77 -2.89 -12.33
CA THR A 442 -14.22 -4.23 -12.34
C THR A 442 -12.92 -4.17 -11.50
N PHE A 443 -12.77 -5.13 -10.59
CA PHE A 443 -11.57 -5.27 -9.79
C PHE A 443 -10.79 -6.51 -10.24
N ILE A 444 -9.51 -6.31 -10.52
CA ILE A 444 -8.65 -7.44 -10.84
C ILE A 444 -7.41 -7.46 -9.96
N GLU A 445 -7.03 -8.66 -9.52
CA GLU A 445 -5.80 -8.89 -8.78
C GLU A 445 -4.62 -9.14 -9.72
N SER A 446 -3.54 -8.40 -9.51
CA SER A 446 -2.34 -8.58 -10.33
C SER A 446 -1.60 -9.88 -10.02
N GLU A 447 -0.96 -10.40 -11.07
CA GLU A 447 -0.16 -11.60 -11.02
C GLU A 447 1.30 -11.15 -11.31
N GLU A 448 2.17 -11.33 -10.31
CA GLU A 448 3.57 -10.82 -10.33
C GLU A 448 3.69 -9.41 -10.89
N GLY A 449 2.82 -8.54 -10.38
CA GLY A 449 2.49 -7.27 -11.03
C GLY A 449 3.54 -6.20 -10.94
N SER A 450 4.28 -6.19 -9.83
CA SER A 450 5.38 -5.25 -9.65
C SER A 450 6.46 -5.43 -10.71
N GLY A 451 7.03 -6.64 -10.75
CA GLY A 451 8.11 -6.98 -11.69
C GLY A 451 7.72 -6.91 -13.15
N ARG A 452 6.56 -7.46 -13.49
CA ARG A 452 6.05 -7.38 -14.86
C ARG A 452 5.68 -5.95 -15.27
N GLY A 453 5.19 -5.17 -14.32
CA GLY A 453 4.84 -3.76 -14.55
C GLY A 453 6.04 -2.90 -14.77
N ALA A 454 7.10 -3.14 -14.00
CA ALA A 454 8.36 -2.43 -14.14
C ALA A 454 9.06 -2.70 -15.49
N ALA A 455 9.17 -3.97 -15.90
CA ALA A 455 9.77 -4.32 -17.20
C ALA A 455 9.00 -3.75 -18.40
N LEU A 456 7.67 -3.79 -18.34
CA LEU A 456 6.82 -3.27 -19.40
C LEU A 456 7.00 -1.76 -19.58
N VAL A 457 7.08 -1.03 -18.47
CA VAL A 457 7.39 0.39 -18.52
C VAL A 457 8.81 0.61 -19.08
N SER A 458 9.75 -0.23 -18.66
CA SER A 458 11.14 -0.14 -19.10
C SER A 458 11.29 -0.35 -20.60
N ALA A 459 10.59 -1.34 -21.15
CA ALA A 459 10.61 -1.64 -22.59
C ALA A 459 10.20 -0.46 -23.48
N VAL A 460 9.29 0.39 -22.99
CA VAL A 460 8.87 1.59 -23.72
C VAL A 460 9.89 2.70 -23.50
N ALA A 461 10.40 2.80 -22.27
CA ALA A 461 11.32 3.88 -21.91
C ALA A 461 12.64 3.82 -22.71
N CYS A 462 13.29 2.66 -22.75
CA CYS A 462 14.55 2.52 -23.45
C CYS A 462 14.37 2.46 -24.97
#